data_6ACO
#
_entry.id   6ACO
#
_cell.length_a   33.885
_cell.length_b   64.877
_cell.length_c   55.564
_cell.angle_alpha   90.00
_cell.angle_beta   95.92
_cell.angle_gamma   90.00
#
_symmetry.space_group_name_H-M   'P 1 21 1'
#
loop_
_entity.id
_entity.type
_entity.pdbx_description
1 polymer 'NAD-dependent protein deacylase sirtuin-5, mitochondrial'
2 polymer 'succinyl peptide H2BK120'
3 non-polymer 'ZINC ION'
4 non-polymer 'CHLORIDE ION'
5 non-polymer GLYCEROL
6 water water
#
loop_
_entity_poly.entity_id
_entity_poly.type
_entity_poly.pdbx_seq_one_letter_code
_entity_poly.pdbx_strand_id
1 'polypeptide(L)'
;SARPSSSMADFRKFFAKAKHIVIISGAGVSAESGVPTFRGAGGYWRKWQAQDLATPLAFAHNPSRVWEFYHYRREVMGSK
EPNAGHRAIAECETRLGKQGRRVVVITQNIDELHRKAGTKNLLEIHGSLFKTRCTSCGVVAENYKSPICPALSGKGAPEP
GTQDASIPVEKLPRCEEAGCGGLLRPHVVWFGENLDPAILEEVDRELAHCDLCLVVGTSSVVYPAAMFAPQVAARGVPVA
EFNTETTPATNRFRFHFQGPCGTTLPEALA
;
A
2 'polypeptide(L)' AVT(SLL)YTS B
#
loop_
_chem_comp.id
_chem_comp.type
_chem_comp.name
_chem_comp.formula
CL non-polymer 'CHLORIDE ION' 'Cl -1'
GOL non-polymer GLYCEROL 'C3 H8 O3'
ZN non-polymer 'ZINC ION' 'Zn 2'
#
# COMPACT_ATOMS: atom_id res chain seq x y z
N SER A 1 22.52 23.34 6.09
CA SER A 1 21.36 22.39 6.23
C SER A 1 21.79 20.91 6.30
N ALA A 2 20.85 20.07 6.77
CA ALA A 2 21.12 18.74 7.31
C ALA A 2 20.68 17.59 6.37
N ARG A 3 20.66 17.86 5.07
CA ARG A 3 19.96 16.99 4.12
C ARG A 3 20.77 15.75 3.71
N PRO A 4 20.08 14.59 3.54
CA PRO A 4 20.76 13.33 3.30
C PRO A 4 21.53 13.36 2.00
N SER A 5 22.44 12.43 1.84
CA SER A 5 23.18 12.26 0.60
C SER A 5 22.31 11.88 -0.64
N SER A 6 22.59 12.45 -1.81
CA SER A 6 22.04 11.93 -3.11
C SER A 6 23.10 11.21 -3.97
N SER A 7 24.09 10.60 -3.30
CA SER A 7 25.14 9.91 -3.96
C SER A 7 24.79 8.47 -4.22
N MET A 8 24.41 8.24 -5.48
CA MET A 8 24.13 6.88 -5.96
C MET A 8 25.30 5.93 -5.82
N ALA A 9 26.52 6.36 -6.12
CA ALA A 9 27.73 5.54 -5.85
C ALA A 9 27.80 5.04 -4.42
N ASP A 10 27.59 5.96 -3.46
CA ASP A 10 27.61 5.63 -2.02
C ASP A 10 26.54 4.64 -1.66
N PHE A 11 25.33 4.86 -2.14
CA PHE A 11 24.29 3.86 -2.00
C PHE A 11 24.67 2.47 -2.46
N ARG A 12 25.23 2.46 -3.67
CA ARG A 12 25.52 1.22 -4.35
C ARG A 12 26.56 0.36 -3.55
N LYS A 13 27.35 1.01 -2.70
CA LYS A 13 28.37 0.34 -1.85
C LYS A 13 27.63 -0.48 -0.84
N PHE A 14 26.55 0.11 -0.28
CA PHE A 14 25.74 -0.66 0.67
C PHE A 14 24.94 -1.73 -0.02
N PHE A 15 24.36 -1.41 -1.18
CA PHE A 15 23.57 -2.38 -1.88
C PHE A 15 24.36 -3.64 -2.30
N ALA A 16 25.62 -3.47 -2.68
CA ALA A 16 26.41 -4.60 -3.21
C ALA A 16 26.68 -5.68 -2.19
N LYS A 17 26.78 -5.22 -0.95
CA LYS A 17 26.99 -6.12 0.20
C LYS A 17 25.77 -6.63 0.99
N ALA A 18 24.59 -5.99 0.89
CA ALA A 18 23.43 -6.37 1.68
C ALA A 18 22.88 -7.78 1.50
N LYS A 19 22.70 -8.50 2.59
CA LYS A 19 22.19 -9.83 2.52
C LYS A 19 20.71 -9.83 2.75
N HIS A 20 20.16 -8.76 3.33
CA HIS A 20 18.77 -8.72 3.78
C HIS A 20 18.21 -7.29 3.60
N ILE A 21 17.48 -7.07 2.48
CA ILE A 21 17.09 -5.70 2.11
C ILE A 21 15.55 -5.60 2.32
N VAL A 22 15.10 -4.62 3.13
CA VAL A 22 13.69 -4.35 3.30
C VAL A 22 13.34 -3.18 2.41
N ILE A 23 12.24 -3.30 1.61
CA ILE A 23 11.80 -2.15 0.77
C ILE A 23 10.37 -1.84 1.23
N ILE A 24 10.14 -0.62 1.71
CA ILE A 24 8.86 -0.17 2.21
C ILE A 24 8.27 0.67 1.09
N SER A 25 7.09 0.35 0.59
CA SER A 25 6.55 1.10 -0.50
C SER A 25 5.21 1.72 -0.18
N GLY A 26 4.99 2.91 -0.74
CA GLY A 26 3.69 3.59 -0.52
C GLY A 26 3.08 4.08 -1.81
N ALA A 27 2.15 5.03 -1.62
CA ALA A 27 1.17 5.41 -2.65
C ALA A 27 1.76 6.02 -3.87
N GLY A 28 2.99 6.57 -3.72
CA GLY A 28 3.73 7.12 -4.85
C GLY A 28 4.11 6.05 -5.90
N VAL A 29 4.38 4.82 -5.47
CA VAL A 29 4.63 3.76 -6.40
C VAL A 29 3.41 3.41 -7.25
N SER A 30 2.27 3.41 -6.61
CA SER A 30 0.96 3.11 -7.26
C SER A 30 0.58 4.30 -8.17
N ALA A 31 0.82 5.49 -7.68
CA ALA A 31 0.61 6.69 -8.49
C ALA A 31 1.33 6.69 -9.82
N GLU A 32 2.60 6.23 -9.83
CA GLU A 32 3.33 6.07 -11.08
C GLU A 32 2.72 5.11 -12.11
N SER A 33 1.84 4.16 -11.73
CA SER A 33 1.04 3.34 -12.62
C SER A 33 -0.27 4.01 -12.97
N GLY A 34 -0.50 5.24 -12.48
CA GLY A 34 -1.80 5.87 -12.69
C GLY A 34 -2.88 5.53 -11.74
N VAL A 35 -2.59 4.74 -10.72
CA VAL A 35 -3.61 4.44 -9.69
C VAL A 35 -3.96 5.68 -8.89
N PRO A 36 -5.23 6.03 -8.84
CA PRO A 36 -5.66 7.16 -8.00
C PRO A 36 -5.67 6.78 -6.54
N THR A 37 -4.96 7.52 -5.70
CA THR A 37 -4.82 7.16 -4.30
C THR A 37 -5.72 7.95 -3.35
N PHE A 38 -6.21 9.08 -3.85
CA PHE A 38 -7.13 9.89 -3.09
C PHE A 38 -6.58 10.45 -1.76
N ARG A 39 -5.28 10.74 -1.81
CA ARG A 39 -4.63 11.49 -0.73
C ARG A 39 -3.43 12.22 -1.30
N GLY A 40 -3.02 13.31 -0.63
CA GLY A 40 -1.95 14.13 -1.15
C GLY A 40 -2.27 14.56 -2.53
N ALA A 41 -1.34 14.37 -3.44
CA ALA A 41 -1.53 14.78 -4.84
C ALA A 41 -2.39 13.79 -5.65
N GLY A 42 -2.95 12.80 -4.98
CA GLY A 42 -3.61 11.69 -5.57
C GLY A 42 -5.11 11.90 -5.80
N GLY A 43 -5.59 13.15 -5.68
CA GLY A 43 -6.94 13.53 -6.08
C GLY A 43 -8.04 13.28 -5.08
N TYR A 44 -9.27 13.52 -5.52
CA TYR A 44 -10.48 13.41 -4.71
C TYR A 44 -11.47 12.53 -5.43
N TRP A 45 -12.27 11.82 -4.68
CA TRP A 45 -13.39 11.05 -5.25
C TRP A 45 -14.63 11.81 -4.82
N ARG A 46 -15.34 12.40 -5.79
CA ARG A 46 -16.46 13.31 -5.44
C ARG A 46 -15.93 14.38 -4.46
N LYS A 47 -16.50 14.54 -3.27
CA LYS A 47 -16.02 15.60 -2.40
C LYS A 47 -14.84 15.17 -1.51
N TRP A 48 -14.49 13.87 -1.55
CA TRP A 48 -13.79 13.20 -0.46
C TRP A 48 -12.38 12.72 -0.81
N GLN A 49 -11.59 12.58 0.22
CA GLN A 49 -10.28 11.91 0.15
C GLN A 49 -10.43 10.56 0.87
N ALA A 50 -9.39 9.70 0.81
CA ALA A 50 -9.42 8.42 1.53
C ALA A 50 -9.67 8.53 3.03
N GLN A 51 -9.08 9.53 3.69
CA GLN A 51 -9.20 9.75 5.13
C GLN A 51 -10.68 9.93 5.52
N ASP A 52 -11.50 10.52 4.64
CA ASP A 52 -12.93 10.68 4.91
C ASP A 52 -13.75 9.39 4.77
N LEU A 53 -13.44 8.52 3.79
CA LEU A 53 -14.21 7.32 3.43
C LEU A 53 -13.70 6.01 3.93
N ALA A 54 -12.38 5.89 4.02
CA ALA A 54 -11.81 4.70 4.56
C ALA A 54 -11.80 4.66 6.12
N THR A 55 -12.99 4.70 6.76
CA THR A 55 -13.12 4.67 8.19
C THR A 55 -14.30 3.81 8.59
N PRO A 56 -14.24 3.13 9.77
CA PRO A 56 -15.33 2.30 10.32
C PRO A 56 -16.62 3.11 10.40
N LEU A 57 -16.51 4.38 10.73
CA LEU A 57 -17.67 5.18 10.93
C LEU A 57 -18.34 5.52 9.60
N ALA A 58 -17.56 5.82 8.54
CA ALA A 58 -18.16 6.09 7.22
C ALA A 58 -18.94 4.88 6.72
N PHE A 59 -18.41 3.71 7.02
CA PHE A 59 -18.99 2.47 6.58
C PHE A 59 -20.24 2.07 7.43
N ALA A 60 -20.22 2.45 8.70
CA ALA A 60 -21.41 2.30 9.59
C ALA A 60 -22.55 3.14 9.05
N HIS A 61 -22.26 4.37 8.69
CA HIS A 61 -23.28 5.33 8.28
C HIS A 61 -23.73 5.18 6.85
N ASN A 62 -22.79 4.97 5.92
CA ASN A 62 -23.18 4.88 4.54
C ASN A 62 -22.40 3.80 3.85
N PRO A 63 -22.70 2.54 4.13
CA PRO A 63 -21.98 1.42 3.52
C PRO A 63 -22.06 1.36 1.99
N SER A 64 -23.13 1.90 1.39
CA SER A 64 -23.27 1.95 -0.06
C SER A 64 -22.26 2.92 -0.65
N ARG A 65 -22.07 4.05 0.01
CA ARG A 65 -21.13 5.05 -0.44
C ARG A 65 -19.67 4.49 -0.39
N VAL A 66 -19.37 3.89 0.76
CA VAL A 66 -18.00 3.30 0.94
C VAL A 66 -17.79 2.20 -0.12
N TRP A 67 -18.81 1.36 -0.36
CA TRP A 67 -18.68 0.34 -1.43
C TRP A 67 -18.63 0.91 -2.82
N GLU A 68 -19.33 2.00 -3.12
CA GLU A 68 -19.19 2.69 -4.38
C GLU A 68 -17.69 3.08 -4.64
N PHE A 69 -17.13 3.73 -3.64
CA PHE A 69 -15.69 4.14 -3.62
C PHE A 69 -14.77 2.94 -3.88
N TYR A 70 -14.88 1.91 -3.12
CA TYR A 70 -14.04 0.72 -3.34
C TYR A 70 -14.33 0.02 -4.67
N HIS A 71 -15.59 -0.01 -5.11
CA HIS A 71 -15.86 -0.53 -6.42
C HIS A 71 -15.17 0.24 -7.54
N TYR A 72 -15.22 1.56 -7.54
CA TYR A 72 -14.56 2.40 -8.49
C TYR A 72 -13.09 2.02 -8.55
N ARG A 73 -12.54 1.81 -7.38
CA ARG A 73 -11.08 1.59 -7.26
C ARG A 73 -10.72 0.22 -7.81
N ARG A 74 -11.56 -0.79 -7.53
CA ARG A 74 -11.39 -2.11 -8.09
C ARG A 74 -11.48 -2.05 -9.63
N GLU A 75 -12.49 -1.39 -10.15
CA GLU A 75 -12.75 -1.40 -11.54
C GLU A 75 -11.69 -0.64 -12.36
N VAL A 76 -11.12 0.45 -11.87
CA VAL A 76 -10.11 1.16 -12.61
C VAL A 76 -8.80 0.39 -12.71
N MET A 77 -8.60 -0.64 -11.89
CA MET A 77 -7.35 -1.47 -11.99
C MET A 77 -7.30 -2.25 -13.25
N GLY A 78 -8.44 -2.38 -13.92
CA GLY A 78 -8.45 -2.95 -15.24
C GLY A 78 -7.50 -2.29 -16.20
N SER A 79 -7.24 -0.99 -16.05
CA SER A 79 -6.39 -0.25 -16.97
C SER A 79 -5.06 0.16 -16.36
N LYS A 80 -4.68 -0.45 -15.25
CA LYS A 80 -3.44 -0.06 -14.51
C LYS A 80 -2.51 -1.23 -14.38
N GLU A 81 -1.23 -1.02 -14.60
CA GLU A 81 -0.30 -2.16 -14.59
C GLU A 81 0.91 -1.80 -13.82
N PRO A 82 1.72 -2.81 -13.49
CA PRO A 82 2.95 -2.46 -12.82
C PRO A 82 3.88 -1.50 -13.66
N ASN A 83 4.74 -0.71 -13.03
CA ASN A 83 5.58 0.27 -13.67
C ASN A 83 7.07 -0.21 -13.53
N ALA A 84 8.01 0.56 -14.00
CA ALA A 84 9.42 0.16 -14.01
C ALA A 84 9.95 0.04 -12.55
N GLY A 85 9.37 0.79 -11.63
CA GLY A 85 9.72 0.67 -10.19
C GLY A 85 9.29 -0.65 -9.63
N HIS A 86 8.05 -1.06 -9.86
CA HIS A 86 7.62 -2.43 -9.46
C HIS A 86 8.57 -3.47 -10.05
N ARG A 87 8.89 -3.32 -11.34
CA ARG A 87 9.69 -4.36 -12.00
C ARG A 87 11.09 -4.39 -11.48
N ALA A 88 11.66 -3.22 -11.22
CA ALA A 88 13.06 -3.14 -10.64
C ALA A 88 13.10 -3.91 -9.30
N ILE A 89 12.08 -3.69 -8.45
CA ILE A 89 11.97 -4.34 -7.20
C ILE A 89 11.81 -5.87 -7.34
N ALA A 90 10.93 -6.33 -8.24
CA ALA A 90 10.69 -7.75 -8.42
C ALA A 90 11.97 -8.45 -8.99
N GLU A 91 12.56 -7.83 -9.99
CA GLU A 91 13.77 -8.35 -10.60
C GLU A 91 14.91 -8.43 -9.64
N CYS A 92 15.02 -7.45 -8.77
CA CYS A 92 16.05 -7.43 -7.72
C CYS A 92 15.86 -8.60 -6.76
N GLU A 93 14.62 -8.81 -6.33
CA GLU A 93 14.27 -9.92 -5.47
C GLU A 93 14.74 -11.28 -6.14
N THR A 94 14.41 -11.42 -7.40
CA THR A 94 14.64 -12.67 -8.12
C THR A 94 16.16 -12.94 -8.21
N ARG A 95 16.86 -11.90 -8.66
CA ARG A 95 18.31 -11.94 -8.91
C ARG A 95 19.07 -12.16 -7.60
N LEU A 96 18.62 -11.50 -6.55
CA LEU A 96 19.34 -11.64 -5.27
C LEU A 96 19.02 -12.96 -4.63
N GLY A 97 17.81 -13.48 -4.84
CA GLY A 97 17.40 -14.69 -4.24
C GLY A 97 18.20 -15.86 -4.79
N LYS A 98 18.57 -15.78 -6.06
CA LYS A 98 19.51 -16.82 -6.67
C LYS A 98 20.87 -16.83 -6.08
N GLN A 99 21.30 -15.71 -5.49
CA GLN A 99 22.55 -15.64 -4.73
C GLN A 99 22.33 -15.86 -3.21
N GLY A 100 21.13 -16.24 -2.76
CA GLY A 100 20.83 -16.44 -1.33
C GLY A 100 20.78 -15.17 -0.48
N ARG A 101 20.42 -14.06 -1.13
CA ARG A 101 20.28 -12.79 -0.47
C ARG A 101 18.78 -12.49 -0.48
N ARG A 102 18.30 -11.97 0.63
CA ARG A 102 16.82 -11.82 0.81
C ARG A 102 16.40 -10.37 0.56
N VAL A 103 15.28 -10.23 -0.20
CA VAL A 103 14.64 -8.93 -0.45
C VAL A 103 13.17 -9.15 -0.04
N VAL A 104 12.66 -8.27 0.82
N VAL A 104 12.65 -8.28 0.81
CA VAL A 104 11.22 -8.34 1.25
CA VAL A 104 11.21 -8.35 1.21
C VAL A 104 10.58 -6.99 0.99
C VAL A 104 10.58 -7.00 0.97
N VAL A 105 9.37 -6.99 0.44
CA VAL A 105 8.63 -5.71 0.22
C VAL A 105 7.56 -5.66 1.28
N ILE A 106 7.50 -4.52 1.96
CA ILE A 106 6.45 -4.20 2.88
C ILE A 106 5.63 -3.11 2.25
N THR A 107 4.35 -3.37 1.91
CA THR A 107 3.67 -2.35 1.15
C THR A 107 2.49 -1.82 1.90
N GLN A 108 2.34 -0.50 1.83
CA GLN A 108 1.12 0.15 2.26
C GLN A 108 0.02 0.08 1.24
N ASN A 109 0.34 -0.26 0.02
CA ASN A 109 -0.62 -0.26 -1.07
C ASN A 109 -1.51 -1.44 -1.09
N ILE A 110 -2.73 -1.23 -1.60
CA ILE A 110 -3.75 -2.26 -1.61
C ILE A 110 -4.20 -2.73 -2.99
N ASP A 111 -3.47 -2.35 -4.03
CA ASP A 111 -3.86 -2.61 -5.43
C ASP A 111 -3.22 -3.82 -6.09
N GLU A 112 -2.38 -4.52 -5.33
CA GLU A 112 -1.75 -5.77 -5.75
C GLU A 112 -0.78 -5.68 -6.91
N LEU A 113 -0.39 -4.48 -7.32
CA LEU A 113 0.64 -4.35 -8.37
C LEU A 113 2.01 -4.96 -8.11
N HIS A 114 2.50 -4.99 -6.87
CA HIS A 114 3.74 -5.72 -6.60
C HIS A 114 3.53 -7.24 -6.87
N ARG A 115 2.35 -7.79 -6.52
CA ARG A 115 2.04 -9.23 -6.82
C ARG A 115 2.06 -9.46 -8.32
N LYS A 116 1.44 -8.55 -9.07
CA LYS A 116 1.34 -8.69 -10.52
C LYS A 116 2.70 -8.56 -11.19
N ALA A 117 3.61 -7.78 -10.58
CA ALA A 117 4.94 -7.61 -11.09
C ALA A 117 5.85 -8.79 -10.84
N GLY A 118 5.43 -9.68 -9.95
CA GLY A 118 6.12 -10.89 -9.65
C GLY A 118 6.88 -10.90 -8.36
N THR A 119 6.64 -9.92 -7.49
CA THR A 119 7.27 -9.96 -6.15
C THR A 119 6.69 -11.11 -5.34
N LYS A 120 7.57 -11.90 -4.74
CA LYS A 120 7.19 -13.10 -3.92
C LYS A 120 7.12 -12.85 -2.41
N ASN A 121 8.11 -12.19 -1.85
CA ASN A 121 8.17 -11.90 -0.45
C ASN A 121 7.54 -10.54 -0.28
N LEU A 122 6.24 -10.56 -0.03
CA LEU A 122 5.38 -9.39 0.04
C LEU A 122 4.52 -9.43 1.33
N LEU A 123 4.57 -8.36 2.12
CA LEU A 123 3.76 -8.08 3.31
C LEU A 123 2.84 -6.90 3.00
N GLU A 124 1.58 -7.18 2.77
CA GLU A 124 0.53 -6.17 2.41
C GLU A 124 -0.12 -5.71 3.72
N ILE A 125 0.46 -4.68 4.34
CA ILE A 125 0.09 -4.34 5.74
C ILE A 125 -1.25 -3.67 5.90
N HIS A 126 -1.84 -3.18 4.81
CA HIS A 126 -3.15 -2.56 4.82
C HIS A 126 -4.22 -3.33 4.08
N GLY A 127 -3.92 -4.55 3.71
CA GLY A 127 -4.87 -5.47 3.11
C GLY A 127 -4.88 -5.32 1.57
N SER A 128 -6.03 -5.57 0.96
CA SER A 128 -6.16 -5.66 -0.51
C SER A 128 -7.55 -5.27 -0.98
N LEU A 129 -7.63 -4.49 -2.06
CA LEU A 129 -8.90 -4.13 -2.74
C LEU A 129 -9.62 -5.40 -3.25
N PHE A 130 -8.83 -6.47 -3.48
CA PHE A 130 -9.35 -7.73 -4.10
C PHE A 130 -9.52 -8.83 -3.09
N LYS A 131 -9.76 -8.41 -1.85
CA LYS A 131 -10.19 -9.31 -0.75
C LYS A 131 -11.37 -8.68 -0.02
N THR A 132 -12.29 -9.56 0.44
CA THR A 132 -13.42 -9.19 1.23
C THR A 132 -13.24 -9.84 2.59
N ARG A 133 -13.88 -9.21 3.57
CA ARG A 133 -14.06 -9.77 4.92
C ARG A 133 -15.51 -9.56 5.35
N CYS A 134 -16.08 -10.59 5.95
CA CYS A 134 -17.47 -10.49 6.45
C CYS A 134 -17.65 -9.74 7.75
N THR A 135 -18.60 -8.83 7.83
CA THR A 135 -18.82 -8.05 9.07
C THR A 135 -19.40 -8.87 10.25
N SER A 136 -19.85 -10.11 9.94
CA SER A 136 -20.46 -11.03 10.91
C SER A 136 -19.57 -12.22 11.16
N CYS A 137 -19.21 -12.92 10.12
CA CYS A 137 -18.48 -14.15 10.39
CA CYS A 137 -18.48 -14.19 10.05
C CYS A 137 -16.96 -14.02 10.34
N GLY A 138 -16.42 -12.88 9.88
CA GLY A 138 -14.94 -12.69 9.81
C GLY A 138 -14.06 -13.43 8.79
N VAL A 139 -14.65 -14.26 7.93
CA VAL A 139 -13.89 -14.95 6.91
C VAL A 139 -13.39 -13.97 5.80
N VAL A 140 -12.15 -14.20 5.41
CA VAL A 140 -11.52 -13.43 4.36
C VAL A 140 -11.57 -14.24 3.07
N ALA A 141 -11.99 -13.64 1.95
CA ALA A 141 -12.03 -14.31 0.64
C ALA A 141 -11.34 -13.45 -0.44
N GLU A 142 -10.64 -14.09 -1.41
CA GLU A 142 -10.12 -13.35 -2.60
C GLU A 142 -11.32 -13.06 -3.44
N ASN A 143 -11.37 -11.93 -4.10
CA ASN A 143 -12.50 -11.57 -4.93
C ASN A 143 -12.08 -10.64 -6.00
N TYR A 144 -12.14 -11.09 -7.24
CA TYR A 144 -11.79 -10.30 -8.34
C TYR A 144 -12.96 -10.00 -9.23
N LYS A 145 -14.17 -10.35 -8.83
CA LYS A 145 -15.30 -10.19 -9.73
C LYS A 145 -15.53 -8.80 -10.16
N SER A 146 -15.81 -8.64 -11.45
CA SER A 146 -16.21 -7.38 -12.00
C SER A 146 -17.60 -7.50 -12.62
N PRO A 147 -18.60 -6.79 -12.11
CA PRO A 147 -18.59 -6.09 -10.87
C PRO A 147 -18.71 -7.04 -9.66
N ILE A 148 -18.29 -6.56 -8.49
CA ILE A 148 -18.38 -7.38 -7.26
C ILE A 148 -19.79 -7.89 -6.91
N CYS A 149 -20.78 -7.06 -7.16
CA CYS A 149 -22.21 -7.47 -7.00
C CYS A 149 -23.00 -6.71 -8.08
N PRO A 150 -24.13 -7.30 -8.54
CA PRO A 150 -24.87 -6.65 -9.62
C PRO A 150 -25.28 -5.23 -9.41
N ALA A 151 -25.66 -4.89 -8.19
CA ALA A 151 -26.13 -3.54 -7.81
C ALA A 151 -25.11 -2.44 -7.99
N LEU A 152 -23.81 -2.82 -7.89
CA LEU A 152 -22.71 -1.84 -8.14
C LEU A 152 -22.32 -1.59 -9.60
N SER A 153 -22.92 -2.31 -10.54
CA SER A 153 -22.57 -2.14 -11.95
C SER A 153 -22.81 -0.72 -12.45
N GLY A 154 -21.74 -0.09 -12.98
CA GLY A 154 -21.78 1.31 -13.39
C GLY A 154 -21.86 2.40 -12.31
N LYS A 155 -21.70 2.02 -11.05
CA LYS A 155 -21.76 2.96 -9.93
C LYS A 155 -20.30 3.31 -9.56
N GLY A 156 -20.09 4.20 -8.59
CA GLY A 156 -18.70 4.61 -8.25
C GLY A 156 -18.15 5.81 -9.01
N ALA A 157 -18.97 6.42 -9.88
CA ALA A 157 -18.46 7.53 -10.70
C ALA A 157 -17.79 8.55 -9.76
N PRO A 158 -16.60 8.98 -10.13
CA PRO A 158 -15.80 9.86 -9.28
C PRO A 158 -16.08 11.36 -9.34
N GLU A 159 -16.93 11.80 -10.30
N GLU A 159 -16.75 11.87 -10.39
CA GLU A 159 -17.20 13.24 -10.58
CA GLU A 159 -16.77 13.33 -10.65
C GLU A 159 -17.78 13.98 -9.37
C GLU A 159 -17.70 14.04 -9.63
N PRO A 160 -17.33 15.24 -9.11
CA PRO A 160 -18.10 15.93 -8.04
C PRO A 160 -19.56 16.24 -8.46
N GLY A 161 -20.49 15.98 -7.56
CA GLY A 161 -21.90 16.12 -7.85
C GLY A 161 -22.59 14.81 -8.05
N THR A 162 -21.80 13.72 -8.19
CA THR A 162 -22.39 12.43 -8.44
C THR A 162 -23.17 12.09 -7.21
N GLN A 163 -24.38 11.64 -7.45
CA GLN A 163 -25.30 11.33 -6.38
C GLN A 163 -25.01 9.92 -5.80
N ASP A 164 -25.26 9.74 -4.49
CA ASP A 164 -25.18 8.44 -3.84
C ASP A 164 -26.08 7.43 -4.56
N ALA A 165 -25.56 6.23 -4.83
CA ALA A 165 -26.40 5.11 -5.37
C ALA A 165 -27.39 4.62 -4.34
N SER A 166 -27.04 4.63 -3.06
CA SER A 166 -27.97 4.27 -1.96
C SER A 166 -28.51 2.84 -2.10
N ILE A 167 -27.60 1.93 -2.38
CA ILE A 167 -27.89 0.52 -2.56
C ILE A 167 -28.31 -0.06 -1.27
N PRO A 168 -29.48 -0.72 -1.24
CA PRO A 168 -29.84 -1.36 0.02
C PRO A 168 -28.83 -2.38 0.46
N VAL A 169 -28.52 -2.39 1.77
CA VAL A 169 -27.51 -3.29 2.33
C VAL A 169 -27.66 -4.76 1.91
N GLU A 170 -28.88 -5.20 1.62
CA GLU A 170 -29.15 -6.62 1.33
C GLU A 170 -28.61 -6.97 -0.08
N LYS A 171 -28.57 -5.98 -0.96
CA LYS A 171 -27.97 -6.06 -2.30
C LYS A 171 -26.48 -5.58 -2.45
N LEU A 172 -25.82 -5.24 -1.34
CA LEU A 172 -24.34 -5.06 -1.35
C LEU A 172 -23.73 -6.42 -1.21
N PRO A 173 -22.39 -6.50 -1.28
CA PRO A 173 -21.82 -7.81 -1.32
C PRO A 173 -22.00 -8.59 -0.02
N ARG A 174 -22.41 -9.86 -0.14
CA ARG A 174 -22.80 -10.71 1.03
C ARG A 174 -21.96 -11.97 1.17
N CYS A 175 -21.77 -12.42 2.39
CA CYS A 175 -20.99 -13.60 2.63
C CYS A 175 -21.67 -14.71 1.89
N GLU A 176 -20.89 -15.56 1.29
CA GLU A 176 -21.43 -16.76 0.64
C GLU A 176 -21.12 -18.06 1.36
N GLU A 177 -20.69 -17.99 2.62
CA GLU A 177 -20.42 -19.21 3.39
C GLU A 177 -21.78 -19.75 3.92
N ALA A 178 -21.90 -21.06 4.01
CA ALA A 178 -23.14 -21.72 4.51
C ALA A 178 -23.53 -21.08 5.82
N GLY A 179 -24.72 -20.50 5.81
CA GLY A 179 -25.33 -20.07 7.07
C GLY A 179 -24.92 -18.73 7.63
N CYS A 180 -24.18 -17.92 6.82
CA CYS A 180 -23.88 -16.51 7.26
CA CYS A 180 -23.78 -16.55 7.16
C CYS A 180 -24.70 -15.47 6.55
N GLY A 181 -24.52 -15.25 5.24
CA GLY A 181 -25.11 -14.07 4.58
C GLY A 181 -24.83 -12.68 5.18
N GLY A 182 -23.74 -12.53 5.95
CA GLY A 182 -23.31 -11.18 6.45
C GLY A 182 -23.08 -10.13 5.36
N LEU A 183 -23.03 -8.87 5.74
CA LEU A 183 -22.48 -7.82 4.92
C LEU A 183 -20.97 -8.02 4.86
N LEU A 184 -20.45 -8.03 3.63
CA LEU A 184 -19.01 -7.94 3.41
C LEU A 184 -18.56 -6.48 3.39
N ARG A 185 -17.28 -6.33 3.70
CA ARG A 185 -16.57 -5.03 3.62
C ARG A 185 -15.23 -5.34 2.88
N PRO A 186 -14.57 -4.29 2.37
CA PRO A 186 -13.26 -4.56 1.74
C PRO A 186 -12.32 -5.02 2.85
N HIS A 187 -11.39 -5.93 2.59
CA HIS A 187 -10.45 -6.45 3.58
C HIS A 187 -9.22 -5.49 3.53
N VAL A 188 -9.49 -4.26 3.93
CA VAL A 188 -8.53 -3.14 3.89
C VAL A 188 -8.50 -2.51 5.30
N VAL A 189 -7.33 -2.17 5.79
CA VAL A 189 -7.22 -1.58 7.10
C VAL A 189 -7.64 -0.15 6.99
N TRP A 190 -8.67 0.28 7.74
CA TRP A 190 -9.10 1.62 7.65
C TRP A 190 -8.45 2.53 8.72
N PHE A 191 -8.48 3.85 8.48
CA PHE A 191 -8.03 4.82 9.47
C PHE A 191 -8.85 4.56 10.75
N GLY A 192 -8.14 4.37 11.86
CA GLY A 192 -8.81 4.07 13.11
C GLY A 192 -8.88 2.61 13.45
N GLU A 193 -8.32 1.70 12.63
CA GLU A 193 -8.31 0.34 12.94
C GLU A 193 -6.90 -0.08 13.13
N ASN A 194 -6.68 -1.16 13.84
CA ASN A 194 -5.30 -1.63 13.92
C ASN A 194 -4.95 -2.62 12.85
N LEU A 195 -3.63 -2.74 12.69
CA LEU A 195 -3.04 -3.61 11.69
C LEU A 195 -3.12 -5.01 12.27
N ASP A 196 -3.08 -5.99 11.41
CA ASP A 196 -3.12 -7.44 11.87
C ASP A 196 -1.85 -7.71 12.75
N PRO A 197 -2.00 -8.26 13.98
CA PRO A 197 -0.86 -8.59 14.82
C PRO A 197 0.15 -9.55 14.19
N ALA A 198 -0.34 -10.50 13.42
CA ALA A 198 0.52 -11.50 12.80
C ALA A 198 1.49 -10.84 11.78
N ILE A 199 0.97 -9.84 11.04
CA ILE A 199 1.72 -9.14 9.98
C ILE A 199 2.71 -8.22 10.66
N LEU A 200 2.28 -7.56 11.74
CA LEU A 200 3.19 -6.68 12.39
C LEU A 200 4.38 -7.48 13.01
N GLU A 201 4.13 -8.69 13.51
CA GLU A 201 5.24 -9.57 13.99
C GLU A 201 6.26 -9.88 12.88
N GLU A 202 5.72 -10.23 11.71
CA GLU A 202 6.51 -10.53 10.49
C GLU A 202 7.27 -9.25 10.12
N VAL A 203 6.60 -8.09 10.09
CA VAL A 203 7.32 -6.81 9.85
C VAL A 203 8.44 -6.56 10.80
N ASP A 204 8.19 -6.69 12.11
CA ASP A 204 9.30 -6.47 13.11
C ASP A 204 10.50 -7.38 12.95
N ARG A 205 10.26 -8.63 12.57
CA ARG A 205 11.28 -9.59 12.29
C ARG A 205 12.17 -9.13 11.15
N GLU A 206 11.56 -8.67 10.06
CA GLU A 206 12.33 -8.16 8.90
C GLU A 206 13.06 -6.91 9.27
N LEU A 207 12.44 -5.96 9.95
CA LEU A 207 13.13 -4.72 10.32
C LEU A 207 14.31 -4.93 11.28
N ALA A 208 14.20 -5.96 12.18
CA ALA A 208 15.22 -6.21 13.17
C ALA A 208 16.43 -6.82 12.61
N HIS A 209 16.30 -7.51 11.48
CA HIS A 209 17.39 -8.23 10.84
C HIS A 209 17.88 -7.63 9.54
N CYS A 210 17.22 -6.61 9.01
CA CYS A 210 17.73 -6.13 7.73
C CYS A 210 19.05 -5.35 7.81
N ASP A 211 19.80 -5.31 6.70
CA ASP A 211 21.01 -4.52 6.68
C ASP A 211 20.99 -3.39 5.71
N LEU A 212 19.87 -3.24 5.00
CA LEU A 212 19.71 -2.05 4.19
C LEU A 212 18.21 -1.84 4.06
N CYS A 213 17.72 -0.61 4.06
CA CYS A 213 16.27 -0.35 3.92
C CYS A 213 16.06 0.72 2.94
N LEU A 214 15.09 0.49 2.05
CA LEU A 214 14.69 1.45 1.04
C LEU A 214 13.25 1.85 1.36
N VAL A 215 13.00 3.14 1.36
CA VAL A 215 11.58 3.64 1.55
C VAL A 215 11.21 4.31 0.26
N VAL A 216 10.24 3.76 -0.45
N VAL A 216 10.23 3.76 -0.43
CA VAL A 216 10.03 4.19 -1.82
CA VAL A 216 9.99 4.13 -1.83
C VAL A 216 8.60 4.66 -2.03
C VAL A 216 8.59 4.68 -2.00
N GLY A 217 8.49 5.91 -2.50
CA GLY A 217 7.15 6.49 -2.81
C GLY A 217 6.23 6.68 -1.65
N THR A 218 6.77 6.88 -0.43
CA THR A 218 6.04 6.99 0.79
C THR A 218 6.09 8.49 1.20
N SER A 219 4.90 9.01 1.50
N SER A 219 4.94 9.08 1.53
CA SER A 219 4.73 10.34 2.03
CA SER A 219 4.96 10.47 2.06
C SER A 219 5.23 10.44 3.51
C SER A 219 5.29 10.47 3.56
N SER A 220 5.31 9.27 4.18
CA SER A 220 5.76 9.12 5.58
C SER A 220 4.86 9.95 6.52
N VAL A 221 3.56 9.98 6.18
CA VAL A 221 2.48 10.47 7.04
C VAL A 221 1.46 9.47 7.55
N VAL A 222 1.48 8.21 7.11
CA VAL A 222 0.55 7.24 7.56
C VAL A 222 1.30 6.30 8.50
N TYR A 223 0.73 6.20 9.68
CA TYR A 223 1.27 5.42 10.76
C TYR A 223 0.41 4.23 11.00
N PRO A 224 0.98 3.12 11.49
CA PRO A 224 2.39 3.01 11.92
C PRO A 224 3.44 2.81 10.88
N ALA A 225 3.05 2.59 9.61
CA ALA A 225 4.06 2.42 8.54
C ALA A 225 5.17 3.44 8.48
N ALA A 226 4.86 4.71 8.71
CA ALA A 226 5.84 5.74 8.65
C ALA A 226 6.93 5.65 9.73
N MET A 227 6.74 4.79 10.72
CA MET A 227 7.69 4.64 11.80
C MET A 227 8.68 3.52 11.55
N PHE A 228 8.41 2.69 10.56
CA PHE A 228 9.29 1.53 10.26
C PHE A 228 10.68 1.91 9.85
N ALA A 229 10.86 2.79 8.84
CA ALA A 229 12.22 3.08 8.33
C ALA A 229 13.01 3.88 9.36
N PRO A 230 12.35 4.83 10.08
CA PRO A 230 13.13 5.50 11.16
C PRO A 230 13.64 4.55 12.22
N GLN A 231 12.86 3.52 12.54
CA GLN A 231 13.33 2.55 13.52
C GLN A 231 14.61 1.86 13.05
N VAL A 232 14.67 1.48 11.78
CA VAL A 232 15.89 0.87 11.20
C VAL A 232 17.05 1.83 11.26
N ALA A 233 16.81 3.09 10.89
CA ALA A 233 17.88 4.01 10.87
C ALA A 233 18.48 4.19 12.27
N ALA A 234 17.64 4.15 13.29
CA ALA A 234 18.14 4.31 14.64
C ALA A 234 19.00 3.11 15.15
N ARG A 235 18.99 1.97 14.48
CA ARG A 235 19.90 0.86 14.74
C ARG A 235 21.21 1.04 14.00
N GLY A 236 21.37 2.13 13.22
CA GLY A 236 22.61 2.41 12.52
C GLY A 236 22.67 1.83 11.11
N VAL A 237 21.52 1.35 10.61
CA VAL A 237 21.43 0.69 9.31
C VAL A 237 21.15 1.77 8.25
N PRO A 238 21.69 1.60 7.06
CA PRO A 238 21.49 2.65 6.10
C PRO A 238 20.06 2.58 5.55
N VAL A 239 19.45 3.77 5.41
CA VAL A 239 18.07 3.86 4.88
C VAL A 239 18.15 4.87 3.74
N ALA A 240 17.59 4.51 2.57
CA ALA A 240 17.58 5.38 1.47
C ALA A 240 16.12 5.61 1.11
N GLU A 241 15.80 6.89 0.96
CA GLU A 241 14.44 7.28 0.58
C GLU A 241 14.44 7.64 -0.91
N PHE A 242 13.46 7.12 -1.65
CA PHE A 242 13.29 7.35 -3.10
C PHE A 242 11.93 7.98 -3.22
N ASN A 243 11.82 9.27 -3.52
CA ASN A 243 10.48 9.88 -3.49
C ASN A 243 10.53 11.14 -4.37
N THR A 244 9.39 11.58 -4.90
CA THR A 244 9.46 12.82 -5.72
C THR A 244 9.66 14.08 -4.90
N GLU A 245 9.48 14.03 -3.57
CA GLU A 245 9.50 15.18 -2.63
C GLU A 245 10.13 14.77 -1.32
N THR A 246 10.65 15.73 -0.55
CA THR A 246 11.07 15.48 0.82
C THR A 246 9.81 15.25 1.69
N THR A 247 10.02 14.57 2.82
CA THR A 247 8.95 14.22 3.72
C THR A 247 9.37 14.55 5.14
N PRO A 248 8.47 14.39 6.12
CA PRO A 248 8.82 14.60 7.50
C PRO A 248 9.92 13.69 8.02
N ALA A 249 10.10 12.50 7.40
CA ALA A 249 11.10 11.54 7.83
C ALA A 249 12.47 11.73 7.13
N THR A 250 12.55 12.52 6.05
CA THR A 250 13.72 12.56 5.20
C THR A 250 15.06 12.72 5.97
N ASN A 251 15.05 13.61 6.95
CA ASN A 251 16.29 13.97 7.62
C ASN A 251 16.74 12.94 8.59
N ARG A 252 15.92 11.93 8.80
CA ARG A 252 16.29 10.73 9.59
C ARG A 252 17.07 9.68 8.78
N PHE A 253 17.22 9.85 7.46
CA PHE A 253 17.81 8.79 6.60
C PHE A 253 19.16 9.16 6.04
N ARG A 254 19.91 8.16 5.55
N ARG A 254 19.86 8.15 5.54
CA ARG A 254 21.26 8.37 5.04
CA ARG A 254 21.22 8.28 5.04
C ARG A 254 21.26 8.89 3.60
C ARG A 254 21.20 8.91 3.66
N PHE A 255 20.23 8.52 2.81
CA PHE A 255 20.14 8.99 1.40
C PHE A 255 18.72 9.45 1.07
N HIS A 256 18.66 10.42 0.17
CA HIS A 256 17.37 10.81 -0.44
C HIS A 256 17.61 10.96 -1.92
N PHE A 257 16.86 10.21 -2.72
CA PHE A 257 16.97 10.21 -4.19
C PHE A 257 15.69 10.76 -4.72
N GLN A 258 15.73 11.95 -5.35
CA GLN A 258 14.51 12.61 -5.78
C GLN A 258 14.12 12.18 -7.19
N GLY A 259 12.84 12.00 -7.43
CA GLY A 259 12.40 11.56 -8.73
C GLY A 259 11.39 10.46 -8.63
N PRO A 260 10.72 10.18 -9.77
CA PRO A 260 9.87 8.97 -9.84
C PRO A 260 10.72 7.71 -9.64
N CYS A 261 10.14 6.79 -8.90
CA CYS A 261 10.81 5.54 -8.56
C CYS A 261 11.14 4.75 -9.80
N GLY A 262 10.25 4.86 -10.82
CA GLY A 262 10.51 4.19 -12.07
C GLY A 262 11.72 4.66 -12.84
N THR A 263 12.24 5.84 -12.51
CA THR A 263 13.48 6.33 -13.04
C THR A 263 14.69 6.00 -12.15
N THR A 264 14.54 6.17 -10.86
CA THR A 264 15.72 5.99 -9.94
C THR A 264 16.00 4.56 -9.54
N LEU A 265 14.96 3.78 -9.35
CA LEU A 265 15.12 2.41 -8.84
C LEU A 265 15.79 1.44 -9.80
N PRO A 266 15.45 1.49 -11.10
CA PRO A 266 16.16 0.56 -12.01
C PRO A 266 17.67 0.76 -11.98
N GLU A 267 18.11 2.02 -11.87
CA GLU A 267 19.53 2.35 -11.68
C GLU A 267 20.04 1.87 -10.34
N ALA A 268 19.35 2.24 -9.24
CA ALA A 268 19.78 1.85 -7.90
C ALA A 268 19.90 0.38 -7.65
N LEU A 269 18.95 -0.43 -8.16
CA LEU A 269 18.86 -1.83 -7.84
C LEU A 269 19.56 -2.72 -8.92
N ALA A 270 20.26 -2.11 -9.89
CA ALA A 270 20.78 -2.82 -11.07
C ALA A 270 21.81 -3.94 -10.74
N ALA B 1 -4.14 -3.17 20.41
CA ALA B 1 -3.87 -3.17 18.94
C ALA B 1 -2.79 -2.15 18.57
N VAL B 2 -2.36 -2.15 17.31
CA VAL B 2 -1.48 -1.15 16.74
C VAL B 2 -2.15 -0.41 15.54
N THR B 3 -2.60 0.86 15.75
CA THR B 3 -3.63 1.66 14.97
C THR B 3 -3.25 2.65 13.84
C SLL B 4 -3.96 4.75 11.69
N SLL B 4 -4.13 2.64 12.82
O SLL B 4 -5.36 5.13 11.94
CA SLL B 4 -3.76 3.28 11.55
CB SLL B 4 -4.53 2.69 10.33
CD SLL B 4 -4.60 2.51 7.85
CE SLL B 4 -4.17 3.15 6.52
CG SLL B 4 -4.08 3.34 9.04
CK SLL B 4 -5.49 1.93 3.20
CL SLL B 4 -6.74 2.77 2.91
CP SLL B 4 -7.14 2.81 1.44
CX SLL B 4 -4.73 2.74 4.21
OX SLL B 4 -4.03 3.69 3.94
NZ SLL B 4 -4.91 2.43 5.48
OP1 SLL B 4 -6.25 2.98 0.55
OP2 SLL B 4 -8.39 2.65 1.17
N TYR B 5 -3.38 5.87 11.34
CA TYR B 5 -3.75 7.25 11.29
C TYR B 5 -2.83 7.97 10.38
N THR B 6 -3.24 9.15 9.99
CA THR B 6 -2.41 10.02 9.19
C THR B 6 -2.10 11.30 9.92
N SER B 7 -0.85 11.75 9.78
CA SER B 7 -0.39 13.07 10.33
C SER B 7 -0.43 14.10 9.24
ZN ZN C . -20.00 -14.17 6.79
CL CL D . 2.29 6.72 1.18
C1 GOL E . -2.95 1.21 19.14
O1 GOL E . -4.02 2.10 19.44
C2 GOL E . -1.49 1.80 19.11
O2 GOL E . -0.66 0.92 19.89
C3 GOL E . -0.78 1.98 17.74
O3 GOL E . 0.64 2.22 17.65
#